data_5U5I
#
_entry.id   5U5I
#
_cell.length_a   63.922
_cell.length_b   64.676
_cell.length_c   151.957
_cell.angle_alpha   90.000
_cell.angle_beta   90.000
_cell.angle_gamma   90.000
#
_symmetry.space_group_name_H-M   'P 21 21 21'
#
loop_
_entity.id
_entity.type
_entity.pdbx_description
1 polymer 'HTPA Reductase'
2 non-polymer NICOTINAMIDE-ADENINE-DINUCLEOTIDE
3 non-polymer 'CALCIUM ION'
4 water water
#
_entity_poly.entity_id   1
_entity_poly.type   'polypeptide(L)'
_entity_poly.pdbx_seq_one_letter_code
;LAAAPV(MSE)VNDCTGKVGQAVAEAAVAAGLRLVPLSLTGPGRGGKRVVIGNVEVDVREVSEREDVVKEVITEYPNVIV
VDYTLPAAVNDNAEFYCKQGLPFV(MSE)GTTGGDREKLLDVARKSGTYSIIAPQ(MSE)GKQVVAFVAA(MSE)EI
(MSE)AKQFPGAFSGYTLQVTESHQSTKADVSGTALAVISSLRKLGLDFKDEQVELVRDPKEQ(MSE)TR(MSE)GVPEQ
HLNGHAFHTYKIISPDGTVFFEFKHNVCGRSIYAQGTVDAVLFLSKKIQEKSEKRLYN(MSE)IDVLEGGS(MSE)R
;
_entity_poly.pdbx_strand_id   A,B
#
loop_
_chem_comp.id
_chem_comp.type
_chem_comp.name
_chem_comp.formula
CA non-polymer 'CALCIUM ION' 'Ca 2'
NAD non-polymer NICOTINAMIDE-ADENINE-DINUCLEOTIDE 'C21 H27 N7 O14 P2'
#
# COMPACT_ATOMS: atom_id res chain seq x y z
N ALA A 3 -20.90 18.79 15.16
CA ALA A 3 -19.69 18.32 15.91
C ALA A 3 -19.50 19.06 17.24
N ALA A 4 -18.93 18.36 18.22
CA ALA A 4 -18.90 18.86 19.60
C ALA A 4 -17.82 19.92 19.84
N PRO A 5 -18.04 20.79 20.85
CA PRO A 5 -16.99 21.73 21.24
C PRO A 5 -15.84 21.01 21.90
N VAL A 6 -14.66 21.60 21.82
CA VAL A 6 -13.45 20.94 22.29
C VAL A 6 -12.64 21.81 23.28
N MSE A 7 -12.23 21.18 24.38
CA MSE A 7 -11.29 21.76 25.35
C MSE A 7 -9.93 21.12 25.14
O MSE A 7 -9.79 19.91 25.32
CB MSE A 7 -11.79 21.51 26.76
CG MSE A 7 -10.99 22.28 27.81
SE MSE A 7 -11.31 21.54 29.61
CE MSE A 7 -10.31 22.96 30.54
N VAL A 8 -8.94 21.93 24.76
CA VAL A 8 -7.58 21.44 24.51
C VAL A 8 -6.70 21.81 25.70
N ASN A 9 -6.24 20.79 26.42
CA ASN A 9 -5.28 20.92 27.51
C ASN A 9 -3.99 20.26 27.04
N ASP A 10 -2.87 20.96 26.85
CA ASP A 10 -2.59 22.37 27.16
C ASP A 10 -2.45 23.18 25.85
N CYS A 11 -3.25 24.23 25.69
CA CYS A 11 -3.20 24.99 24.43
CA CYS A 11 -3.26 25.12 24.50
C CYS A 11 -1.97 25.90 24.34
N THR A 12 -1.18 26.00 25.42
CA THR A 12 0.14 26.64 25.39
C THR A 12 1.32 25.69 25.14
N GLY A 13 1.11 24.38 25.27
CA GLY A 13 2.08 23.39 24.80
C GLY A 13 2.21 23.41 23.27
N LYS A 14 3.28 22.85 22.73
CA LYS A 14 3.55 22.98 21.30
C LYS A 14 2.54 22.20 20.46
N VAL A 15 2.24 20.96 20.84
CA VAL A 15 1.27 20.16 20.07
C VAL A 15 -0.15 20.63 20.38
N GLY A 16 -0.44 20.84 21.66
CA GLY A 16 -1.72 21.35 22.08
C GLY A 16 -2.10 22.65 21.43
N GLN A 17 -1.15 23.56 21.27
CA GLN A 17 -1.39 24.80 20.51
C GLN A 17 -1.74 24.50 19.04
N ALA A 18 -0.95 23.67 18.39
CA ALA A 18 -1.21 23.30 16.98
C ALA A 18 -2.58 22.67 16.82
N VAL A 19 -2.97 21.80 17.75
CA VAL A 19 -4.29 21.18 17.75
C VAL A 19 -5.43 22.20 17.91
N ALA A 20 -5.29 23.13 18.86
CA ALA A 20 -6.31 24.17 19.07
C ALA A 20 -6.42 25.05 17.83
N GLU A 21 -5.28 25.42 17.24
CA GLU A 21 -5.27 26.21 15.99
C GLU A 21 -6.04 25.48 14.88
N ALA A 22 -5.70 24.20 14.69
CA ALA A 22 -6.28 23.41 13.61
C ALA A 22 -7.77 23.21 13.83
N ALA A 23 -8.19 23.03 15.09
CA ALA A 23 -9.61 22.93 15.44
C ALA A 23 -10.38 24.19 15.07
N VAL A 24 -9.82 25.35 15.42
CA VAL A 24 -10.45 26.64 15.10
C VAL A 24 -10.53 26.85 13.59
N ALA A 25 -9.42 26.64 12.90
CA ALA A 25 -9.39 26.81 11.43
C ALA A 25 -10.34 25.86 10.69
N ALA A 26 -10.60 24.68 11.24
CA ALA A 26 -11.56 23.72 10.69
C ALA A 26 -13.04 24.03 10.99
N GLY A 27 -13.28 24.94 11.93
CA GLY A 27 -14.63 25.37 12.29
C GLY A 27 -15.21 24.73 13.55
N LEU A 28 -14.37 24.04 14.35
CA LEU A 28 -14.83 23.56 15.67
C LEU A 28 -14.92 24.77 16.59
N ARG A 29 -15.75 24.64 17.61
CA ARG A 29 -15.83 25.59 18.70
C ARG A 29 -14.75 25.20 19.71
N LEU A 30 -13.81 26.13 19.93
CA LEU A 30 -12.77 25.95 20.95
C LEU A 30 -13.30 26.49 22.28
N VAL A 31 -13.37 25.63 23.28
CA VAL A 31 -13.75 26.07 24.62
C VAL A 31 -12.67 27.07 25.07
N PRO A 32 -13.07 28.30 25.45
CA PRO A 32 -12.10 29.35 25.80
C PRO A 32 -11.49 29.18 27.19
N LEU A 33 -11.22 27.94 27.59
CA LEU A 33 -10.58 27.63 28.86
C LEU A 33 -9.60 26.49 28.59
N SER A 34 -8.46 26.52 29.28
CA SER A 34 -7.46 25.48 29.16
C SER A 34 -6.70 25.31 30.46
N LEU A 35 -6.17 24.10 30.68
CA LEU A 35 -5.31 23.80 31.83
C LEU A 35 -3.86 23.67 31.37
N THR A 36 -2.97 24.27 32.13
CA THR A 36 -1.53 24.21 31.86
C THR A 36 -0.85 23.49 33.03
N GLY A 37 0.46 23.23 32.90
CA GLY A 37 1.15 22.30 33.81
C GLY A 37 1.67 22.92 35.10
N PRO A 38 2.18 22.08 36.02
CA PRO A 38 2.76 22.56 37.28
C PRO A 38 3.87 23.60 37.04
N GLY A 39 3.83 24.70 37.79
CA GLY A 39 4.83 25.77 37.67
C GLY A 39 4.58 26.76 36.54
N ARG A 40 3.67 26.46 35.63
CA ARG A 40 3.19 27.47 34.68
C ARG A 40 2.07 28.24 35.37
N GLY A 41 2.03 29.54 35.15
CA GLY A 41 1.00 30.40 35.73
C GLY A 41 -0.15 30.62 34.77
N GLY A 42 -1.23 31.17 35.30
CA GLY A 42 -2.40 31.52 34.51
C GLY A 42 -2.12 32.64 33.52
N LYS A 43 -2.78 32.58 32.36
CA LYS A 43 -2.58 33.55 31.30
C LYS A 43 -3.72 33.57 30.29
N ARG A 44 -3.77 34.62 29.47
CA ARG A 44 -4.66 34.71 28.31
C ARG A 44 -3.84 34.52 27.04
N VAL A 45 -4.24 33.54 26.20
CA VAL A 45 -3.59 33.28 24.91
C VAL A 45 -4.60 33.37 23.77
N VAL A 46 -4.12 33.68 22.56
CA VAL A 46 -4.97 33.79 21.39
C VAL A 46 -4.72 32.58 20.49
N ILE A 47 -5.80 31.92 20.11
CA ILE A 47 -5.75 30.79 19.17
C ILE A 47 -6.74 31.16 18.08
N GLY A 48 -6.23 31.50 16.90
CA GLY A 48 -7.06 32.05 15.82
C GLY A 48 -7.74 33.35 16.25
N ASN A 49 -9.07 33.32 16.35
CA ASN A 49 -9.87 34.49 16.75
C ASN A 49 -10.49 34.32 18.15
N VAL A 50 -9.93 33.41 18.94
CA VAL A 50 -10.49 33.03 20.24
C VAL A 50 -9.46 33.29 21.34
N GLU A 51 -9.84 34.11 22.33
CA GLU A 51 -9.05 34.24 23.56
C GLU A 51 -9.34 33.08 24.49
N VAL A 52 -8.30 32.40 24.94
CA VAL A 52 -8.42 31.27 25.86
C VAL A 52 -7.86 31.66 27.24
N ASP A 53 -8.70 31.51 28.26
CA ASP A 53 -8.28 31.71 29.67
C ASP A 53 -7.54 30.45 30.10
N VAL A 54 -6.22 30.53 30.14
CA VAL A 54 -5.38 29.39 30.49
C VAL A 54 -5.19 29.40 32.02
N ARG A 55 -5.57 28.30 32.66
CA ARG A 55 -5.63 28.21 34.12
C ARG A 55 -4.67 27.16 34.62
N GLU A 56 -4.16 27.38 35.83
CA GLU A 56 -3.25 26.47 36.51
C GLU A 56 -3.98 25.15 36.82
N VAL A 57 -3.26 24.02 36.72
CA VAL A 57 -3.89 22.70 36.89
C VAL A 57 -4.53 22.47 38.27
N SER A 58 -4.01 23.11 39.31
CA SER A 58 -4.62 23.09 40.66
C SER A 58 -6.08 23.57 40.71
N GLU A 59 -6.48 24.39 39.74
CA GLU A 59 -7.87 24.88 39.58
C GLU A 59 -8.75 23.97 38.71
N ARG A 60 -8.30 22.77 38.36
CA ARG A 60 -9.03 21.93 37.37
C ARG A 60 -10.47 21.58 37.73
N GLU A 61 -10.76 21.35 39.02
CA GLU A 61 -12.11 21.03 39.48
C GLU A 61 -13.08 22.16 39.12
N ASP A 62 -12.74 23.37 39.56
CA ASP A 62 -13.51 24.57 39.24
C ASP A 62 -13.61 24.86 37.74
N VAL A 63 -12.49 24.75 37.04
CA VAL A 63 -12.45 25.08 35.62
C VAL A 63 -13.35 24.13 34.82
N VAL A 64 -13.27 22.85 35.14
CA VAL A 64 -14.08 21.83 34.45
C VAL A 64 -15.58 22.03 34.71
N LYS A 65 -15.93 22.48 35.92
CA LYS A 65 -17.31 22.81 36.23
C LYS A 65 -17.79 24.00 35.38
N GLU A 66 -16.98 25.06 35.28
CA GLU A 66 -17.26 26.20 34.36
C GLU A 66 -17.42 25.75 32.90
N VAL A 67 -16.55 24.83 32.48
CA VAL A 67 -16.61 24.27 31.12
C VAL A 67 -17.92 23.51 30.90
N ILE A 68 -18.22 22.57 31.79
CA ILE A 68 -19.36 21.66 31.67
C ILE A 68 -20.72 22.38 31.69
N THR A 69 -20.82 23.47 32.45
CA THR A 69 -22.07 24.22 32.55
C THR A 69 -22.40 24.97 31.24
N GLU A 70 -21.38 25.56 30.62
CA GLU A 70 -21.55 26.26 29.34
C GLU A 70 -21.37 25.36 28.10
N TYR A 71 -20.67 24.23 28.24
CA TYR A 71 -20.45 23.28 27.14
C TYR A 71 -20.66 21.84 27.62
N PRO A 72 -21.92 21.43 27.85
CA PRO A 72 -22.25 20.08 28.28
C PRO A 72 -21.63 18.97 27.43
N ASN A 73 -21.55 19.18 26.12
CA ASN A 73 -21.17 18.12 25.18
C ASN A 73 -19.68 18.16 24.79
N VAL A 74 -18.87 18.79 25.65
CA VAL A 74 -17.44 18.97 25.42
C VAL A 74 -16.68 17.64 25.32
N ILE A 75 -15.69 17.64 24.43
CA ILE A 75 -14.70 16.59 24.38
C ILE A 75 -13.37 17.24 24.74
N VAL A 76 -12.63 16.63 25.67
CA VAL A 76 -11.32 17.12 26.05
C VAL A 76 -10.29 16.50 25.11
N VAL A 77 -9.30 17.29 24.70
CA VAL A 77 -8.14 16.83 23.97
C VAL A 77 -6.91 17.05 24.87
N ASP A 78 -6.16 15.97 25.14
CA ASP A 78 -5.03 16.00 26.07
C ASP A 78 -3.69 15.81 25.34
N TYR A 79 -2.92 16.89 25.29
CA TYR A 79 -1.49 16.86 24.93
C TYR A 79 -0.70 17.55 26.06
N THR A 80 -0.37 16.77 27.09
CA THR A 80 0.36 17.26 28.26
C THR A 80 1.73 16.55 28.37
N LEU A 81 2.00 15.82 29.46
CA LEU A 81 3.29 15.18 29.64
C LEU A 81 3.08 13.78 30.21
N PRO A 82 4.04 12.84 29.99
CA PRO A 82 3.90 11.47 30.50
C PRO A 82 3.52 11.39 31.99
N ALA A 83 4.08 12.28 32.81
CA ALA A 83 3.77 12.31 34.25
C ALA A 83 2.29 12.60 34.56
N ALA A 84 1.61 13.32 33.66
CA ALA A 84 0.20 13.68 33.86
C ALA A 84 -0.83 12.67 33.31
N VAL A 85 -0.36 11.73 32.49
CA VAL A 85 -1.24 10.87 31.68
C VAL A 85 -2.26 10.08 32.48
N ASN A 86 -1.79 9.41 33.52
CA ASN A 86 -2.64 8.52 34.31
C ASN A 86 -3.59 9.30 35.21
N ASP A 87 -3.08 10.33 35.88
CA ASP A 87 -3.92 11.16 36.73
C ASP A 87 -5.00 11.89 35.92
N ASN A 88 -4.60 12.57 34.84
CA ASN A 88 -5.57 13.21 33.91
C ASN A 88 -6.68 12.26 33.44
N ALA A 89 -6.31 11.05 33.03
CA ALA A 89 -7.27 10.04 32.57
C ALA A 89 -8.28 9.67 33.67
N GLU A 90 -7.76 9.42 34.87
CA GLU A 90 -8.61 9.09 36.01
C GLU A 90 -9.55 10.24 36.35
N PHE A 91 -9.04 11.46 36.21
CA PHE A 91 -9.83 12.68 36.37
C PHE A 91 -10.93 12.83 35.31
N TYR A 92 -10.59 12.63 34.04
CA TYR A 92 -11.59 12.70 32.96
C TYR A 92 -12.67 11.62 33.14
N CYS A 93 -12.25 10.42 33.51
CA CYS A 93 -13.18 9.29 33.73
C CYS A 93 -14.05 9.50 34.98
N LYS A 94 -13.47 10.01 36.07
CA LYS A 94 -14.24 10.37 37.28
C LYS A 94 -15.26 11.49 37.01
N GLN A 95 -14.92 12.43 36.11
CA GLN A 95 -15.83 13.54 35.76
C GLN A 95 -16.81 13.22 34.62
N GLY A 96 -16.77 12.00 34.09
CA GLY A 96 -17.59 11.63 32.94
C GLY A 96 -17.19 12.25 31.61
N LEU A 97 -16.04 12.92 31.56
CA LEU A 97 -15.64 13.69 30.38
C LEU A 97 -15.09 12.80 29.28
N PRO A 98 -15.71 12.84 28.09
CA PRO A 98 -15.06 12.14 26.98
C PRO A 98 -13.76 12.85 26.58
N PHE A 99 -12.74 12.07 26.22
CA PHE A 99 -11.44 12.64 25.92
C PHE A 99 -10.66 11.95 24.80
N VAL A 100 -9.80 12.73 24.15
CA VAL A 100 -8.88 12.24 23.15
C VAL A 100 -7.47 12.43 23.68
N MSE A 101 -6.78 11.31 23.93
CA MSE A 101 -5.47 11.32 24.61
C MSE A 101 -4.38 11.11 23.61
O MSE A 101 -4.15 10.00 23.13
CB MSE A 101 -5.49 10.25 25.70
CG MSE A 101 -4.17 9.86 26.35
SE MSE A 101 -3.61 11.15 27.71
CE MSE A 101 -5.02 11.01 29.07
N GLY A 102 -3.67 12.21 23.30
CA GLY A 102 -2.47 12.19 22.47
C GLY A 102 -1.16 12.02 23.23
N THR A 103 -1.13 12.44 24.49
CA THR A 103 0.10 12.38 25.30
C THR A 103 0.69 10.96 25.33
N THR A 104 2.00 10.84 25.15
CA THR A 104 2.69 9.55 25.17
C THR A 104 3.25 9.27 26.57
N GLY A 105 3.59 8.00 26.80
CA GLY A 105 4.16 7.57 28.07
C GLY A 105 3.12 7.41 29.15
N GLY A 106 3.59 7.40 30.40
CA GLY A 106 2.79 6.95 31.53
C GLY A 106 2.57 5.44 31.47
N ASP A 107 1.75 4.94 32.38
CA ASP A 107 1.41 3.52 32.41
C ASP A 107 0.23 3.28 31.48
N ARG A 108 0.49 2.64 30.35
CA ARG A 108 -0.48 2.54 29.25
C ARG A 108 -1.62 1.55 29.51
N GLU A 109 -1.30 0.39 30.11
CA GLU A 109 -2.33 -0.59 30.50
C GLU A 109 -3.32 0.01 31.53
N LYS A 110 -2.79 0.74 32.52
CA LYS A 110 -3.64 1.45 33.51
C LYS A 110 -4.52 2.51 32.85
N LEU A 111 -3.94 3.23 31.88
CA LEU A 111 -4.68 4.26 31.14
C LEU A 111 -5.85 3.64 30.38
N LEU A 112 -5.59 2.56 29.65
CA LEU A 112 -6.63 1.90 28.87
C LEU A 112 -7.70 1.31 29.78
N ASP A 113 -7.28 0.65 30.86
CA ASP A 113 -8.22 -0.06 31.72
C ASP A 113 -9.15 0.91 32.47
N VAL A 114 -8.65 2.08 32.85
CA VAL A 114 -9.50 3.08 33.51
C VAL A 114 -10.59 3.60 32.56
N ALA A 115 -10.26 3.79 31.28
CA ALA A 115 -11.25 4.23 30.28
C ALA A 115 -12.29 3.13 30.01
N ARG A 116 -11.81 1.91 29.86
CA ARG A 116 -12.66 0.79 29.51
C ARG A 116 -13.60 0.42 30.65
N LYS A 117 -13.05 0.28 31.87
CA LYS A 117 -13.83 -0.08 33.06
C LYS A 117 -14.86 1.00 33.46
N SER A 118 -14.55 2.27 33.19
CA SER A 118 -15.47 3.38 33.50
C SER A 118 -16.48 3.69 32.37
N GLY A 119 -16.30 3.07 31.21
CA GLY A 119 -17.20 3.29 30.05
C GLY A 119 -17.15 4.69 29.46
N THR A 120 -16.01 5.37 29.63
CA THR A 120 -15.84 6.73 29.17
C THR A 120 -15.49 6.71 27.68
N TYR A 121 -16.26 7.45 26.90
CA TYR A 121 -16.01 7.61 25.47
C TYR A 121 -14.65 8.26 25.31
N SER A 122 -13.76 7.58 24.60
CA SER A 122 -12.40 8.07 24.48
C SER A 122 -11.68 7.51 23.25
N ILE A 123 -10.71 8.29 22.79
CA ILE A 123 -9.73 7.83 21.84
C ILE A 123 -8.38 7.95 22.52
N ILE A 124 -7.70 6.81 22.64
CA ILE A 124 -6.34 6.77 23.16
C ILE A 124 -5.44 6.30 22.01
N ALA A 125 -4.53 7.17 21.59
CA ALA A 125 -3.66 6.87 20.45
C ALA A 125 -2.35 7.61 20.55
N PRO A 126 -1.26 6.88 20.91
CA PRO A 126 0.06 7.52 20.96
C PRO A 126 0.64 7.90 19.58
N GLN A 127 0.06 7.38 18.50
CA GLN A 127 0.37 7.84 17.13
C GLN A 127 -0.92 8.38 16.47
N MSE A 128 -1.01 9.71 16.36
CA MSE A 128 -2.15 10.40 15.76
C MSE A 128 -1.93 10.82 14.32
O MSE A 128 -2.83 11.35 13.69
CB MSE A 128 -2.43 11.64 16.60
CG MSE A 128 -3.89 12.09 16.50
SE MSE A 128 -5.03 11.21 17.85
CE MSE A 128 -4.31 11.70 19.61
N GLY A 129 -0.73 10.58 13.77
CA GLY A 129 -0.47 10.85 12.36
C GLY A 129 -1.17 9.86 11.46
N LYS A 130 -2.47 10.09 11.23
CA LYS A 130 -3.35 9.01 10.78
C LYS A 130 -2.99 8.38 9.45
N GLN A 131 -2.47 9.19 8.53
CA GLN A 131 -2.14 8.71 7.17
C GLN A 131 -0.99 7.73 7.23
N VAL A 132 -0.04 7.97 8.13
CA VAL A 132 1.08 7.05 8.39
C VAL A 132 0.57 5.76 9.06
N VAL A 133 -0.31 5.91 10.05
CA VAL A 133 -0.94 4.75 10.70
C VAL A 133 -1.62 3.85 9.65
N ALA A 134 -2.31 4.47 8.69
CA ALA A 134 -2.98 3.72 7.64
C ALA A 134 -1.98 2.95 6.79
N PHE A 135 -0.91 3.61 6.37
CA PHE A 135 0.15 2.97 5.61
C PHE A 135 0.73 1.76 6.35
N VAL A 136 1.09 1.96 7.61
CA VAL A 136 1.70 0.91 8.43
C VAL A 136 0.76 -0.32 8.55
N ALA A 137 -0.51 -0.06 8.84
CA ALA A 137 -1.49 -1.13 9.04
C ALA A 137 -1.75 -1.93 7.76
N ALA A 138 -1.82 -1.24 6.62
CA ALA A 138 -2.12 -1.87 5.34
C ALA A 138 -0.96 -2.75 4.88
N MSE A 139 0.26 -2.27 5.09
CA MSE A 139 1.46 -3.06 4.82
C MSE A 139 1.45 -4.34 5.62
O MSE A 139 1.83 -5.38 5.10
CB MSE A 139 2.72 -2.28 5.18
CG MSE A 139 2.96 -1.14 4.21
SE MSE A 139 3.48 -1.93 2.49
CE MSE A 139 2.26 -1.05 1.22
N GLU A 140 1.02 -4.27 6.88
CA GLU A 140 0.90 -5.47 7.72
C GLU A 140 -0.15 -6.46 7.18
N ILE A 141 -1.33 -5.96 6.83
CA ILE A 141 -2.43 -6.82 6.34
C ILE A 141 -2.01 -7.49 5.01
N MSE A 142 -1.30 -6.74 4.18
CA MSE A 142 -0.76 -7.27 2.95
C MSE A 142 0.28 -8.33 3.21
O MSE A 142 0.29 -9.38 2.55
CB MSE A 142 -0.18 -6.12 2.14
CG MSE A 142 0.09 -6.58 0.72
SE MSE A 142 1.97 -7.14 0.58
CE MSE A 142 2.77 -5.38 0.13
N ALA A 143 1.18 -8.06 4.16
CA ALA A 143 2.24 -9.00 4.54
C ALA A 143 1.69 -10.34 5.02
N LYS A 144 0.65 -10.27 5.85
CA LYS A 144 -0.07 -11.46 6.33
C LYS A 144 -0.83 -12.19 5.21
N GLN A 145 -1.31 -11.46 4.22
CA GLN A 145 -1.99 -12.08 3.08
C GLN A 145 -1.03 -12.82 2.11
N PHE A 146 0.18 -12.30 1.90
CA PHE A 146 1.10 -12.83 0.87
C PHE A 146 2.46 -13.26 1.41
N PRO A 147 2.50 -14.35 2.18
CA PRO A 147 3.78 -14.83 2.75
C PRO A 147 4.83 -15.15 1.69
N GLY A 148 6.04 -14.60 1.88
CA GLY A 148 7.18 -14.88 1.01
C GLY A 148 7.14 -14.26 -0.38
N ALA A 149 6.24 -13.29 -0.60
CA ALA A 149 6.05 -12.68 -1.93
C ALA A 149 7.29 -11.96 -2.46
N PHE A 150 8.17 -11.51 -1.57
CA PHE A 150 9.38 -10.77 -1.91
C PHE A 150 10.64 -11.53 -1.48
N SER A 151 10.58 -12.85 -1.35
CA SER A 151 11.74 -13.56 -0.82
C SER A 151 12.85 -13.59 -1.90
N GLY A 152 14.10 -13.49 -1.43
CA GLY A 152 15.24 -13.24 -2.28
C GLY A 152 15.53 -11.78 -2.61
N TYR A 153 14.59 -10.86 -2.32
CA TYR A 153 14.82 -9.41 -2.52
C TYR A 153 15.68 -8.83 -1.39
N THR A 154 16.32 -7.70 -1.69
CA THR A 154 17.14 -6.96 -0.74
C THR A 154 16.37 -5.78 -0.19
N LEU A 155 16.35 -5.65 1.13
CA LEU A 155 15.71 -4.52 1.82
C LEU A 155 16.74 -3.52 2.30
N GLN A 156 16.52 -2.24 2.01
CA GLN A 156 17.26 -1.12 2.62
C GLN A 156 16.27 -0.15 3.27
N VAL A 157 16.52 0.21 4.52
CA VAL A 157 15.65 1.12 5.24
C VAL A 157 16.50 2.24 5.79
N THR A 158 16.18 3.47 5.37
CA THR A 158 16.91 4.65 5.81
C THR A 158 15.89 5.63 6.44
N GLU A 159 16.29 6.26 7.54
CA GLU A 159 15.35 6.94 8.43
C GLU A 159 15.94 8.22 9.01
N SER A 160 15.10 9.27 9.10
CA SER A 160 15.49 10.52 9.77
C SER A 160 14.42 10.96 10.80
N HIS A 161 14.85 11.09 12.05
CA HIS A 161 14.04 11.61 13.15
C HIS A 161 15.00 12.30 14.13
N GLN A 162 14.52 12.62 15.34
CA GLN A 162 15.38 13.12 16.42
C GLN A 162 15.16 12.29 17.70
N ASP A 167 18.27 4.81 18.44
CA ASP A 167 16.86 4.97 18.77
C ASP A 167 16.00 4.92 17.48
N VAL A 168 15.75 3.71 16.96
CA VAL A 168 15.05 3.54 15.66
C VAL A 168 13.55 3.78 15.85
N SER A 169 12.91 4.36 14.83
CA SER A 169 11.48 4.75 14.90
C SER A 169 10.55 3.54 15.00
N GLY A 170 9.66 3.56 15.98
CA GLY A 170 8.67 2.50 16.18
C GLY A 170 7.89 2.16 14.90
N THR A 171 7.61 3.20 14.11
CA THR A 171 7.01 3.06 12.78
C THR A 171 7.87 2.23 11.83
N ALA A 172 9.16 2.55 11.76
CA ALA A 172 10.10 1.82 10.92
C ALA A 172 10.21 0.35 11.30
N LEU A 173 10.29 0.07 12.61
CA LEU A 173 10.35 -1.30 13.13
C LEU A 173 9.09 -2.11 12.80
N ALA A 174 7.93 -1.47 12.92
CA ALA A 174 6.63 -2.09 12.58
C ALA A 174 6.56 -2.46 11.10
N VAL A 175 7.01 -1.55 10.23
CA VAL A 175 7.02 -1.81 8.79
C VAL A 175 8.05 -2.91 8.43
N ILE A 176 9.23 -2.87 9.05
CA ILE A 176 10.23 -3.93 8.88
C ILE A 176 9.70 -5.32 9.30
N SER A 177 8.91 -5.38 10.37
CA SER A 177 8.32 -6.63 10.84
C SER A 177 7.39 -7.25 9.80
N SER A 178 6.52 -6.43 9.23
CA SER A 178 5.68 -6.85 8.10
C SER A 178 6.50 -7.36 6.92
N LEU A 179 7.56 -6.64 6.59
CA LEU A 179 8.42 -6.98 5.46
C LEU A 179 9.12 -8.35 5.61
N ARG A 180 9.44 -8.74 6.85
CA ARG A 180 9.97 -10.09 7.13
C ARG A 180 8.97 -11.20 6.76
N LYS A 181 7.68 -10.97 6.99
CA LYS A 181 6.65 -11.94 6.59
C LYS A 181 6.59 -12.09 5.05
N LEU A 182 6.99 -11.04 4.34
CA LEU A 182 7.16 -11.07 2.89
C LEU A 182 8.44 -11.79 2.41
N GLY A 183 9.24 -12.32 3.34
CA GLY A 183 10.42 -13.11 3.03
C GLY A 183 11.72 -12.33 2.98
N LEU A 184 11.68 -11.07 3.37
CA LEU A 184 12.89 -10.24 3.47
C LEU A 184 13.61 -10.51 4.78
N ASP A 185 14.94 -10.66 4.68
CA ASP A 185 15.82 -10.85 5.83
C ASP A 185 16.54 -9.53 6.09
N PHE A 186 16.37 -9.00 7.30
CA PHE A 186 16.82 -7.64 7.64
C PHE A 186 16.75 -7.48 9.16
N LYS A 187 17.90 -7.44 9.82
CA LYS A 187 17.93 -7.24 11.27
C LYS A 187 17.66 -5.76 11.60
N ASP A 188 17.17 -5.51 12.82
CA ASP A 188 16.84 -4.14 13.25
C ASP A 188 18.06 -3.18 13.22
N GLU A 189 19.26 -3.72 13.43
CA GLU A 189 20.50 -2.91 13.39
C GLU A 189 20.88 -2.40 11.99
N GLN A 190 20.35 -3.03 10.93
CA GLN A 190 20.64 -2.62 9.55
C GLN A 190 19.95 -1.32 9.13
N VAL A 191 18.99 -0.83 9.93
CA VAL A 191 18.38 0.49 9.69
C VAL A 191 19.45 1.56 9.79
N GLU A 192 19.56 2.39 8.75
CA GLU A 192 20.51 3.51 8.75
C GLU A 192 19.82 4.74 9.30
N LEU A 193 20.17 5.10 10.54
CA LEU A 193 19.70 6.33 11.14
C LEU A 193 20.55 7.48 10.62
N VAL A 194 19.89 8.49 10.10
CA VAL A 194 20.54 9.73 9.67
C VAL A 194 20.36 10.75 10.80
N ARG A 195 21.47 11.02 11.49
CA ARG A 195 21.53 11.96 12.63
C ARG A 195 22.16 13.31 12.28
N ASP A 196 23.14 13.32 11.38
CA ASP A 196 23.88 14.54 10.99
C ASP A 196 22.96 15.49 10.19
N PRO A 197 22.64 16.70 10.75
CA PRO A 197 21.76 17.66 10.05
C PRO A 197 22.11 17.95 8.58
N LYS A 198 23.41 18.03 8.27
CA LYS A 198 23.87 18.15 6.88
C LYS A 198 23.33 16.99 6.04
N GLU A 199 23.48 15.77 6.57
CA GLU A 199 23.00 14.54 5.91
C GLU A 199 21.47 14.41 5.93
N GLN A 200 20.82 14.95 6.96
CA GLN A 200 19.35 15.05 7.01
C GLN A 200 18.80 15.97 5.92
N MSE A 201 19.50 17.06 5.67
CA MSE A 201 19.12 18.00 4.61
C MSE A 201 19.43 17.46 3.25
O MSE A 201 18.56 17.43 2.39
CB MSE A 201 19.83 19.34 4.79
CG MSE A 201 19.21 20.10 5.96
SE MSE A 201 19.89 21.94 6.00
CE MSE A 201 18.79 22.64 4.53
N THR A 202 20.68 17.04 3.03
CA THR A 202 21.16 16.67 1.69
C THR A 202 20.58 15.35 1.19
N ARG A 203 20.79 14.28 1.96
CA ARG A 203 20.38 12.94 1.56
C ARG A 203 18.85 12.77 1.56
N MSE A 204 18.19 13.26 2.62
CA MSE A 204 16.76 13.01 2.82
C MSE A 204 15.82 14.10 2.37
O MSE A 204 14.62 13.89 2.29
CB MSE A 204 16.50 12.70 4.30
CG MSE A 204 17.37 11.57 4.84
SE MSE A 204 16.74 9.89 4.03
CE MSE A 204 18.31 8.74 4.30
N GLY A 205 16.35 15.29 2.06
CA GLY A 205 15.53 16.41 1.60
C GLY A 205 14.65 17.09 2.64
N VAL A 206 15.09 17.07 3.91
CA VAL A 206 14.35 17.72 5.01
C VAL A 206 14.60 19.22 4.89
N PRO A 207 13.53 20.06 4.80
CA PRO A 207 13.75 21.51 4.79
C PRO A 207 14.44 22.01 6.06
N GLU A 208 15.34 23.00 5.91
CA GLU A 208 16.07 23.62 7.03
C GLU A 208 15.16 23.91 8.22
N GLN A 209 13.96 24.42 7.92
CA GLN A 209 12.91 24.68 8.93
C GLN A 209 12.67 23.54 9.93
N HIS A 210 12.62 22.30 9.44
CA HIS A 210 12.14 21.17 10.23
C HIS A 210 13.18 20.11 10.61
N LEU A 211 14.41 20.52 10.96
CA LEU A 211 15.41 19.56 11.47
C LEU A 211 15.09 19.11 12.90
N ASN A 212 14.65 20.05 13.75
CA ASN A 212 14.13 19.72 15.08
C ASN A 212 12.61 19.53 15.04
N GLY A 213 12.14 18.48 14.37
CA GLY A 213 10.71 18.19 14.24
C GLY A 213 10.33 17.59 12.89
N HIS A 214 10.73 16.33 12.68
CA HIS A 214 10.48 15.62 11.42
C HIS A 214 10.53 14.11 11.58
N ALA A 215 9.96 13.41 10.60
CA ALA A 215 9.97 11.97 10.60
C ALA A 215 9.93 11.47 9.14
N PHE A 216 11.11 11.34 8.54
CA PHE A 216 11.28 10.90 7.14
C PHE A 216 11.75 9.45 7.13
N HIS A 217 11.10 8.62 6.32
CA HIS A 217 11.42 7.20 6.18
C HIS A 217 11.44 6.80 4.69
N THR A 218 12.40 5.97 4.31
CA THR A 218 12.47 5.40 2.96
C THR A 218 12.71 3.90 3.09
N TYR A 219 11.93 3.11 2.35
CA TYR A 219 12.11 1.66 2.27
C TYR A 219 12.34 1.29 0.79
N LYS A 220 13.52 0.75 0.50
CA LYS A 220 13.86 0.27 -0.86
C LYS A 220 13.92 -1.24 -0.86
N ILE A 221 13.25 -1.86 -1.81
CA ILE A 221 13.20 -3.32 -1.93
C ILE A 221 13.61 -3.68 -3.36
N ILE A 222 14.72 -4.39 -3.52
CA ILE A 222 15.35 -4.61 -4.84
C ILE A 222 15.50 -6.10 -5.12
N SER A 223 15.21 -6.51 -6.35
CA SER A 223 15.39 -7.91 -6.75
C SER A 223 16.88 -8.29 -6.77
N PRO A 224 17.19 -9.59 -6.60
CA PRO A 224 18.59 -9.96 -6.61
C PRO A 224 19.30 -9.68 -7.95
N ASP A 225 18.57 -9.70 -9.07
CA ASP A 225 19.13 -9.30 -10.38
C ASP A 225 19.11 -7.78 -10.68
N GLY A 226 18.72 -6.95 -9.73
CA GLY A 226 18.71 -5.51 -9.90
C GLY A 226 17.59 -4.89 -10.73
N THR A 227 16.78 -5.72 -11.40
CA THR A 227 15.84 -5.20 -12.41
C THR A 227 14.49 -4.75 -11.86
N VAL A 228 14.18 -5.09 -10.61
CA VAL A 228 12.91 -4.69 -10.00
C VAL A 228 13.24 -3.84 -8.76
N PHE A 229 12.68 -2.64 -8.71
CA PHE A 229 12.97 -1.68 -7.67
C PHE A 229 11.63 -1.16 -7.14
N PHE A 230 11.38 -1.39 -5.85
CA PHE A 230 10.25 -0.78 -5.14
C PHE A 230 10.78 0.28 -4.18
N GLU A 231 10.04 1.38 -4.04
CA GLU A 231 10.40 2.42 -3.08
C GLU A 231 9.17 2.98 -2.40
N PHE A 232 9.22 3.07 -1.07
CA PHE A 232 8.14 3.61 -0.28
C PHE A 232 8.71 4.71 0.62
N LYS A 233 8.09 5.89 0.58
CA LYS A 233 8.48 7.02 1.41
C LYS A 233 7.26 7.59 2.12
N HIS A 234 7.43 7.93 3.40
CA HIS A 234 6.51 8.80 4.12
C HIS A 234 7.31 9.76 4.96
N ASN A 235 7.19 11.04 4.60
CA ASN A 235 7.95 12.12 5.17
C ASN A 235 7.00 13.10 5.85
N VAL A 236 7.24 13.36 7.14
CA VAL A 236 6.39 14.22 7.93
C VAL A 236 7.25 15.40 8.39
N CYS A 237 6.80 16.62 8.07
CA CYS A 237 7.41 17.85 8.59
C CYS A 237 6.50 18.45 9.65
N GLY A 238 7.03 18.66 10.87
CA GLY A 238 6.30 19.37 11.92
C GLY A 238 5.09 18.61 12.48
N ARG A 239 4.13 19.39 12.99
CA ARG A 239 3.04 18.87 13.82
C ARG A 239 1.65 18.78 13.16
N SER A 240 1.51 19.34 11.97
CA SER A 240 0.24 19.41 11.24
C SER A 240 -0.48 18.06 11.08
N ILE A 241 0.26 17.01 10.76
CA ILE A 241 -0.38 15.69 10.60
C ILE A 241 -1.02 15.23 11.92
N TYR A 242 -0.40 15.58 13.05
CA TYR A 242 -0.93 15.21 14.36
C TYR A 242 -2.10 16.10 14.70
N ALA A 243 -2.01 17.38 14.38
CA ALA A 243 -3.10 18.32 14.62
C ALA A 243 -4.34 17.90 13.81
N GLN A 244 -4.14 17.65 12.52
CA GLN A 244 -5.23 17.23 11.64
C GLN A 244 -5.81 15.87 12.06
N GLY A 245 -4.93 14.95 12.44
CA GLY A 245 -5.36 13.65 12.96
C GLY A 245 -6.25 13.79 14.19
N THR A 246 -5.90 14.72 15.07
CA THR A 246 -6.66 14.94 16.31
C THR A 246 -8.05 15.50 16.03
N VAL A 247 -8.13 16.42 15.08
CA VAL A 247 -9.43 16.98 14.67
C VAL A 247 -10.35 15.86 14.15
N ASP A 248 -9.79 14.96 13.35
CA ASP A 248 -10.55 13.83 12.80
C ASP A 248 -11.03 12.88 13.89
N ALA A 249 -10.15 12.62 14.85
CA ALA A 249 -10.52 11.85 16.04
C ALA A 249 -11.68 12.49 16.82
N VAL A 250 -11.65 13.81 16.99
CA VAL A 250 -12.73 14.50 17.71
C VAL A 250 -14.07 14.37 16.96
N LEU A 251 -14.03 14.48 15.64
CA LEU A 251 -15.24 14.30 14.82
C LEU A 251 -15.78 12.87 14.93
N PHE A 252 -14.89 11.88 14.89
CA PHE A 252 -15.28 10.48 15.04
C PHE A 252 -15.92 10.20 16.39
N LEU A 253 -15.25 10.64 17.46
CA LEU A 253 -15.73 10.39 18.81
C LEU A 253 -17.07 11.09 19.07
N SER A 254 -17.21 12.30 18.55
CA SER A 254 -18.44 13.09 18.68
C SER A 254 -19.64 12.32 18.13
N LYS A 255 -19.46 11.78 16.91
CA LYS A 255 -20.45 10.93 16.26
C LYS A 255 -20.83 9.71 17.10
N LYS A 256 -19.84 9.03 17.66
CA LYS A 256 -20.09 7.83 18.47
C LYS A 256 -20.83 8.14 19.78
N ILE A 257 -20.56 9.31 20.37
CA ILE A 257 -21.31 9.76 21.56
C ILE A 257 -22.74 10.07 21.16
N GLN A 258 -22.88 10.81 20.06
CA GLN A 258 -24.16 11.18 19.47
C GLN A 258 -25.04 9.95 19.13
N GLU A 259 -24.41 8.88 18.67
CA GLU A 259 -25.09 7.60 18.40
C GLU A 259 -25.31 6.70 19.63
N LYS A 260 -24.83 7.13 20.79
CA LYS A 260 -24.91 6.38 22.05
C LYS A 260 -24.31 4.97 21.90
N SER A 261 -23.15 4.87 21.22
CA SER A 261 -22.51 3.59 20.88
C SER A 261 -22.11 2.77 22.10
N GLU A 262 -22.21 1.44 21.99
CA GLU A 262 -21.90 0.57 23.13
C GLU A 262 -20.39 0.48 23.33
N LYS A 263 -19.63 0.51 22.24
CA LYS A 263 -18.18 0.63 22.29
C LYS A 263 -17.79 2.06 22.76
N ARG A 264 -16.87 2.13 23.71
CA ARG A 264 -16.49 3.39 24.37
C ARG A 264 -15.03 3.79 24.11
N LEU A 265 -14.11 2.84 24.22
CA LEU A 265 -12.69 3.08 24.01
C LEU A 265 -12.31 2.75 22.55
N TYR A 266 -11.84 3.77 21.82
CA TYR A 266 -11.40 3.62 20.43
C TYR A 266 -9.92 3.96 20.29
N ASN A 267 -9.35 3.54 19.17
CA ASN A 267 -7.97 3.92 18.79
C ASN A 267 -7.99 4.55 17.38
N MSE A 268 -6.83 4.88 16.83
CA MSE A 268 -6.75 5.57 15.52
C MSE A 268 -7.16 4.67 14.39
O MSE A 268 -7.66 5.13 13.37
CB MSE A 268 -5.35 6.14 15.28
CG MSE A 268 -5.21 6.96 13.99
SE MSE A 268 -6.59 8.35 13.72
CE MSE A 268 -6.52 9.15 15.53
N ILE A 269 -6.97 3.36 14.57
CA ILE A 269 -7.46 2.37 13.60
C ILE A 269 -8.97 2.50 13.45
N ASP A 270 -9.69 2.63 14.58
CA ASP A 270 -11.15 2.81 14.54
C ASP A 270 -11.56 4.07 13.80
N VAL A 271 -10.83 5.16 14.08
CA VAL A 271 -11.11 6.43 13.42
C VAL A 271 -10.92 6.29 11.90
N LEU A 272 -9.84 5.65 11.48
CA LEU A 272 -9.57 5.41 10.06
C LEU A 272 -10.65 4.61 9.37
N GLU A 273 -11.15 3.58 10.07
CA GLU A 273 -12.23 2.74 9.54
C GLU A 273 -13.61 3.45 9.48
N GLY A 274 -13.78 4.54 10.21
CA GLY A 274 -14.98 5.36 10.13
C GLY A 274 -15.07 6.27 8.91
N GLY A 275 -14.01 6.35 8.11
CA GLY A 275 -14.03 7.15 6.89
C GLY A 275 -13.72 8.60 7.16
N SER A 276 -13.71 9.40 6.10
CA SER A 276 -13.48 10.84 6.22
C SER A 276 -14.76 11.54 6.68
N MSE A 277 -14.59 12.60 7.47
CA MSE A 277 -15.71 13.39 8.00
C MSE A 277 -15.62 14.88 7.69
O MSE A 277 -16.41 15.66 8.23
CB MSE A 277 -15.79 13.10 9.50
CG MSE A 277 -15.95 11.58 9.72
SE MSE A 277 -16.54 11.05 11.52
CE MSE A 277 -18.19 12.15 11.63
N ARG A 278 -14.69 15.27 6.81
CA ARG A 278 -14.54 16.66 6.34
C ARG A 278 -14.35 16.67 4.82
N LEU B 1 10.86 -31.32 -8.46
CA LEU B 1 9.62 -30.70 -9.01
C LEU B 1 8.88 -31.67 -9.93
N ALA B 2 7.79 -32.25 -9.41
CA ALA B 2 6.87 -33.03 -10.23
C ALA B 2 5.86 -32.11 -10.92
N ALA B 3 6.37 -31.05 -11.56
CA ALA B 3 5.54 -30.01 -12.17
C ALA B 3 5.25 -30.36 -13.62
N ALA B 4 4.13 -29.84 -14.13
CA ALA B 4 3.68 -30.13 -15.48
C ALA B 4 4.66 -29.60 -16.52
N PRO B 5 4.72 -30.26 -17.69
CA PRO B 5 5.41 -29.65 -18.81
C PRO B 5 4.65 -28.41 -19.31
N VAL B 6 5.36 -27.48 -19.95
CA VAL B 6 4.72 -26.26 -20.45
C VAL B 6 4.95 -26.05 -21.93
N MSE B 7 3.88 -25.60 -22.59
CA MSE B 7 3.92 -25.15 -23.97
C MSE B 7 3.74 -23.66 -23.89
O MSE B 7 2.70 -23.19 -23.43
CB MSE B 7 2.78 -25.77 -24.78
CG MSE B 7 2.75 -25.23 -26.21
SE MSE B 7 1.18 -25.95 -27.12
CE MSE B 7 1.71 -25.61 -28.99
N VAL B 8 4.74 -22.93 -24.35
CA VAL B 8 4.70 -21.47 -24.38
C VAL B 8 4.39 -20.97 -25.80
N ASN B 9 3.20 -20.39 -25.97
CA ASN B 9 2.80 -19.72 -27.20
C ASN B 9 2.79 -18.21 -26.91
N ASP B 10 3.61 -17.37 -27.53
CA ASP B 10 4.53 -17.66 -28.62
C ASP B 10 5.94 -17.53 -28.05
N CYS B 11 6.78 -18.57 -28.18
N CYS B 11 6.74 -18.60 -28.21
CA CYS B 11 8.14 -18.48 -27.64
CA CYS B 11 8.15 -18.67 -27.82
C CYS B 11 9.09 -17.61 -28.47
C CYS B 11 9.04 -17.60 -28.45
N THR B 12 8.64 -17.09 -29.61
CA THR B 12 9.37 -16.06 -30.37
C THR B 12 8.92 -14.63 -30.03
N GLY B 13 7.78 -14.48 -29.35
CA GLY B 13 7.37 -13.20 -28.77
C GLY B 13 8.35 -12.78 -27.69
N LYS B 14 8.43 -11.48 -27.44
CA LYS B 14 9.37 -10.96 -26.45
C LYS B 14 9.13 -11.55 -25.05
N VAL B 15 7.88 -11.55 -24.60
CA VAL B 15 7.54 -12.07 -23.27
C VAL B 15 7.54 -13.59 -23.27
N GLY B 16 6.96 -14.20 -24.31
CA GLY B 16 6.94 -15.65 -24.43
C GLY B 16 8.32 -16.25 -24.38
N GLN B 17 9.28 -15.63 -25.08
CA GLN B 17 10.68 -16.09 -25.03
C GLN B 17 11.25 -16.05 -23.62
N ALA B 18 11.09 -14.91 -22.95
CA ALA B 18 11.59 -14.71 -21.58
C ALA B 18 11.00 -15.73 -20.61
N VAL B 19 9.70 -15.96 -20.73
CA VAL B 19 9.01 -17.02 -19.98
C VAL B 19 9.60 -18.41 -20.25
N ALA B 20 9.77 -18.74 -21.52
CA ALA B 20 10.29 -20.06 -21.88
C ALA B 20 11.72 -20.25 -21.39
N GLU B 21 12.55 -19.22 -21.51
CA GLU B 21 13.92 -19.26 -20.96
C GLU B 21 13.90 -19.52 -19.44
N ALA B 22 13.00 -18.85 -18.73
CA ALA B 22 12.95 -18.90 -17.26
C ALA B 22 12.44 -20.26 -16.83
N ALA B 23 11.45 -20.80 -17.55
CA ALA B 23 10.93 -22.13 -17.28
C ALA B 23 12.03 -23.19 -17.41
N VAL B 24 12.82 -23.11 -18.48
CA VAL B 24 13.89 -24.06 -18.72
C VAL B 24 14.96 -23.92 -17.65
N ALA B 25 15.38 -22.68 -17.38
CA ALA B 25 16.37 -22.41 -16.33
C ALA B 25 15.90 -22.86 -14.92
N ALA B 26 14.59 -22.80 -14.65
CA ALA B 26 14.05 -23.28 -13.37
C ALA B 26 13.89 -24.80 -13.29
N GLY B 27 14.07 -25.51 -14.39
CA GLY B 27 14.03 -26.98 -14.42
C GLY B 27 12.69 -27.55 -14.86
N LEU B 28 11.80 -26.72 -15.42
CA LEU B 28 10.57 -27.21 -16.03
C LEU B 28 10.90 -27.82 -17.39
N ARG B 29 10.03 -28.71 -17.85
CA ARG B 29 10.10 -29.32 -19.17
C ARG B 29 9.37 -28.44 -20.17
N LEU B 30 10.10 -27.91 -21.14
CA LEU B 30 9.51 -27.11 -22.20
C LEU B 30 9.13 -28.05 -23.34
N VAL B 31 7.86 -28.04 -23.70
CA VAL B 31 7.34 -28.79 -24.85
C VAL B 31 8.04 -28.22 -26.10
N PRO B 32 8.68 -29.07 -26.92
CA PRO B 32 9.41 -28.56 -28.08
C PRO B 32 8.54 -28.17 -29.30
N LEU B 33 7.35 -27.64 -29.04
CA LEU B 33 6.43 -27.14 -30.05
C LEU B 33 5.83 -25.84 -29.54
N SER B 34 5.65 -24.88 -30.45
CA SER B 34 5.05 -23.59 -30.14
C SER B 34 4.26 -23.05 -31.32
N LEU B 35 3.33 -22.14 -31.00
CA LEU B 35 2.48 -21.50 -31.98
C LEU B 35 2.82 -20.02 -32.05
N THR B 36 2.99 -19.51 -33.28
CA THR B 36 3.28 -18.10 -33.53
C THR B 36 2.10 -17.49 -34.32
N GLY B 37 2.09 -16.17 -34.43
CA GLY B 37 0.92 -15.44 -34.90
C GLY B 37 0.73 -15.38 -36.42
N PRO B 38 -0.39 -14.78 -36.88
CA PRO B 38 -0.63 -14.59 -38.30
C PRO B 38 0.47 -13.72 -38.92
N GLY B 39 0.86 -14.07 -40.15
CA GLY B 39 1.97 -13.40 -40.84
C GLY B 39 3.35 -14.02 -40.58
N ARG B 40 3.56 -14.65 -39.42
CA ARG B 40 4.85 -15.23 -39.07
C ARG B 40 4.98 -16.61 -39.67
N GLY B 41 6.17 -16.95 -40.14
CA GLY B 41 6.44 -18.28 -40.73
C GLY B 41 6.81 -19.29 -39.66
N GLY B 42 6.73 -20.56 -40.03
CA GLY B 42 7.24 -21.63 -39.18
C GLY B 42 8.76 -21.57 -39.11
N LYS B 43 9.32 -21.99 -37.99
CA LYS B 43 10.75 -21.88 -37.77
C LYS B 43 11.16 -22.76 -36.60
N ARG B 44 12.46 -22.92 -36.37
CA ARG B 44 12.92 -23.49 -35.10
C ARG B 44 13.84 -22.54 -34.37
N VAL B 45 13.59 -22.45 -33.06
CA VAL B 45 14.32 -21.57 -32.19
C VAL B 45 14.90 -22.38 -31.05
N VAL B 46 15.95 -21.83 -30.45
CA VAL B 46 16.65 -22.46 -29.33
C VAL B 46 16.27 -21.67 -28.09
N ILE B 47 15.80 -22.40 -27.08
CA ILE B 47 15.48 -21.87 -25.75
C ILE B 47 16.22 -22.74 -24.73
N GLY B 48 17.24 -22.16 -24.09
CA GLY B 48 18.16 -22.91 -23.22
C GLY B 48 18.83 -24.04 -23.98
N ASN B 49 18.65 -25.26 -23.50
CA ASN B 49 19.09 -26.47 -24.20
C ASN B 49 17.99 -27.11 -25.08
N VAL B 50 16.89 -26.39 -25.34
CA VAL B 50 15.73 -26.97 -26.02
C VAL B 50 15.49 -26.34 -27.40
N GLU B 51 15.44 -27.19 -28.42
CA GLU B 51 15.05 -26.79 -29.76
C GLU B 51 13.53 -26.87 -29.89
N VAL B 52 12.89 -25.75 -30.18
CA VAL B 52 11.44 -25.67 -30.26
C VAL B 52 11.02 -25.56 -31.72
N ASP B 53 10.18 -26.47 -32.20
CA ASP B 53 9.55 -26.39 -33.55
C ASP B 53 8.42 -25.38 -33.43
N VAL B 54 8.59 -24.21 -34.07
CA VAL B 54 7.59 -23.15 -34.00
C VAL B 54 6.72 -23.21 -35.26
N ARG B 55 5.42 -23.32 -35.05
CA ARG B 55 4.46 -23.59 -36.11
C ARG B 55 3.46 -22.46 -36.22
N GLU B 56 2.93 -22.30 -37.42
CA GLU B 56 1.99 -21.23 -37.76
C GLU B 56 0.66 -21.51 -37.06
N VAL B 57 -0.03 -20.45 -36.61
CA VAL B 57 -1.29 -20.61 -35.86
C VAL B 57 -2.39 -21.37 -36.62
N SER B 58 -2.39 -21.33 -37.94
CA SER B 58 -3.33 -22.13 -38.73
C SER B 58 -3.10 -23.64 -38.59
N GLU B 59 -1.90 -24.04 -38.13
CA GLU B 59 -1.60 -25.44 -37.82
C GLU B 59 -2.05 -25.88 -36.41
N ARG B 60 -2.76 -25.01 -35.68
CA ARG B 60 -3.08 -25.18 -34.25
C ARG B 60 -3.68 -26.54 -33.88
N GLU B 61 -4.67 -27.00 -34.66
CA GLU B 61 -5.37 -28.26 -34.35
C GLU B 61 -4.43 -29.43 -34.26
N ASP B 62 -3.64 -29.64 -35.32
CA ASP B 62 -2.72 -30.78 -35.38
C ASP B 62 -1.54 -30.62 -34.43
N VAL B 63 -1.10 -29.40 -34.18
CA VAL B 63 0.04 -29.17 -33.28
C VAL B 63 -0.35 -29.55 -31.84
N VAL B 64 -1.49 -29.03 -31.40
CA VAL B 64 -2.03 -29.34 -30.07
C VAL B 64 -2.37 -30.83 -29.90
N LYS B 65 -2.86 -31.50 -30.96
CA LYS B 65 -3.01 -32.95 -30.94
C LYS B 65 -1.67 -33.64 -30.68
N GLU B 66 -0.63 -33.24 -31.40
CA GLU B 66 0.72 -33.79 -31.21
C GLU B 66 1.24 -33.56 -29.78
N VAL B 67 0.97 -32.37 -29.23
CA VAL B 67 1.42 -32.02 -27.88
C VAL B 67 0.72 -32.85 -26.81
N ILE B 68 -0.60 -33.00 -26.93
CA ILE B 68 -1.43 -33.75 -25.98
C ILE B 68 -1.04 -35.23 -25.94
N THR B 69 -0.67 -35.80 -27.07
CA THR B 69 -0.28 -37.20 -27.12
C THR B 69 1.10 -37.39 -26.47
N GLU B 70 2.00 -36.44 -26.67
CA GLU B 70 3.37 -36.50 -26.15
C GLU B 70 3.49 -35.97 -24.72
N TYR B 71 2.65 -34.99 -24.36
CA TYR B 71 2.73 -34.32 -23.07
C TYR B 71 1.29 -34.15 -22.52
N PRO B 72 0.67 -35.27 -22.07
CA PRO B 72 -0.74 -35.23 -21.63
C PRO B 72 -1.04 -34.23 -20.51
N ASN B 73 -0.09 -33.99 -19.62
CA ASN B 73 -0.28 -33.05 -18.50
C ASN B 73 0.18 -31.64 -18.80
N VAL B 74 0.28 -31.28 -20.09
CA VAL B 74 0.71 -29.97 -20.52
C VAL B 74 -0.18 -28.82 -20.00
N ILE B 75 0.49 -27.73 -19.61
CA ILE B 75 -0.16 -26.47 -19.29
C ILE B 75 0.31 -25.52 -20.37
N VAL B 76 -0.61 -24.83 -21.02
CA VAL B 76 -0.28 -23.85 -22.05
C VAL B 76 -0.07 -22.49 -21.40
N VAL B 77 1.04 -21.83 -21.74
CA VAL B 77 1.29 -20.48 -21.32
C VAL B 77 1.13 -19.58 -22.55
N ASP B 78 0.24 -18.59 -22.42
CA ASP B 78 -0.19 -17.74 -23.53
C ASP B 78 0.27 -16.29 -23.33
N TYR B 79 1.24 -15.89 -24.15
CA TYR B 79 1.66 -14.51 -24.29
C TYR B 79 1.68 -14.23 -25.78
N THR B 80 0.53 -13.80 -26.29
CA THR B 80 0.33 -13.59 -27.71
C THR B 80 -0.05 -12.11 -27.93
N LEU B 81 -1.21 -11.84 -28.49
CA LEU B 81 -1.64 -10.45 -28.74
C LEU B 81 -3.12 -10.35 -28.33
N PRO B 82 -3.59 -9.13 -27.99
CA PRO B 82 -4.99 -8.88 -27.63
C PRO B 82 -6.06 -9.44 -28.60
N ALA B 83 -5.80 -9.37 -29.90
CA ALA B 83 -6.72 -9.91 -30.91
C ALA B 83 -6.91 -11.42 -30.82
N ALA B 84 -6.01 -12.11 -30.10
CA ALA B 84 -6.05 -13.56 -29.94
C ALA B 84 -6.61 -14.06 -28.59
N VAL B 85 -6.79 -13.16 -27.62
CA VAL B 85 -7.15 -13.53 -26.24
C VAL B 85 -8.38 -14.45 -26.19
N ASN B 86 -9.51 -13.94 -26.66
CA ASN B 86 -10.77 -14.67 -26.55
C ASN B 86 -10.78 -15.94 -27.39
N ASP B 87 -10.30 -15.87 -28.65
CA ASP B 87 -10.23 -17.06 -29.51
CA ASP B 87 -10.18 -17.04 -29.53
C ASP B 87 -9.35 -18.14 -28.86
N ASN B 88 -8.15 -17.76 -28.41
CA ASN B 88 -7.23 -18.71 -27.77
C ASN B 88 -7.82 -19.34 -26.51
N ALA B 89 -8.43 -18.52 -25.65
CA ALA B 89 -9.05 -19.00 -24.41
C ALA B 89 -10.20 -19.96 -24.71
N GLU B 90 -11.03 -19.62 -25.68
CA GLU B 90 -12.14 -20.49 -26.07
C GLU B 90 -11.63 -21.82 -26.67
N PHE B 91 -10.52 -21.75 -27.39
CA PHE B 91 -9.86 -22.96 -27.89
C PHE B 91 -9.33 -23.87 -26.78
N TYR B 92 -8.58 -23.31 -25.82
CA TYR B 92 -8.01 -24.10 -24.73
C TYR B 92 -9.15 -24.75 -23.91
N CYS B 93 -10.22 -23.98 -23.67
CA CYS B 93 -11.34 -24.47 -22.88
C CYS B 93 -12.16 -25.57 -23.57
N LYS B 94 -12.25 -25.52 -24.89
CA LYS B 94 -12.86 -26.59 -25.70
C LYS B 94 -12.01 -27.88 -25.60
N GLN B 95 -10.68 -27.76 -25.70
CA GLN B 95 -9.76 -28.92 -25.62
C GLN B 95 -9.54 -29.45 -24.17
N GLY B 96 -10.12 -28.80 -23.15
CA GLY B 96 -9.80 -29.11 -21.75
C GLY B 96 -8.34 -28.84 -21.37
N LEU B 97 -7.65 -28.00 -22.13
CA LEU B 97 -6.24 -27.70 -21.88
C LEU B 97 -6.12 -26.68 -20.74
N PRO B 98 -5.41 -27.03 -19.65
CA PRO B 98 -5.17 -25.99 -18.65
C PRO B 98 -4.24 -24.90 -19.18
N PHE B 99 -4.44 -23.67 -18.75
CA PHE B 99 -3.62 -22.58 -19.26
C PHE B 99 -3.36 -21.42 -18.28
N VAL B 100 -2.25 -20.77 -18.53
CA VAL B 100 -1.85 -19.57 -17.84
C VAL B 100 -1.79 -18.50 -18.90
N MSE B 101 -2.66 -17.50 -18.81
CA MSE B 101 -2.64 -16.42 -19.78
C MSE B 101 -2.27 -15.08 -19.24
O MSE B 101 -3.00 -14.51 -18.40
CB MSE B 101 -4.00 -16.26 -20.41
CG MSE B 101 -3.71 -15.31 -21.56
SE MSE B 101 -5.29 -15.19 -22.61
CE MSE B 101 -5.56 -17.05 -23.26
N GLY B 102 -1.17 -14.55 -19.75
CA GLY B 102 -0.69 -13.20 -19.40
C GLY B 102 -1.01 -12.16 -20.46
N THR B 103 -1.42 -12.58 -21.65
CA THR B 103 -1.78 -11.66 -22.72
C THR B 103 -2.82 -10.68 -22.22
N THR B 104 -2.63 -9.40 -22.53
CA THR B 104 -3.55 -8.34 -22.10
C THR B 104 -4.55 -8.06 -23.22
N GLY B 105 -5.56 -7.24 -22.91
CA GLY B 105 -6.59 -6.92 -23.87
C GLY B 105 -7.57 -8.05 -24.10
N GLY B 106 -8.38 -7.93 -25.17
CA GLY B 106 -9.54 -8.78 -25.35
C GLY B 106 -10.70 -8.42 -24.42
N ASP B 107 -11.81 -9.12 -24.58
CA ASP B 107 -12.97 -9.00 -23.72
C ASP B 107 -12.70 -9.80 -22.43
N ARG B 108 -12.33 -9.08 -21.37
CA ARG B 108 -11.91 -9.71 -20.12
C ARG B 108 -13.05 -10.49 -19.46
N GLU B 109 -14.25 -9.90 -19.42
CA GLU B 109 -15.42 -10.58 -18.83
C GLU B 109 -15.75 -11.88 -19.58
N LYS B 110 -15.69 -11.86 -20.90
CA LYS B 110 -15.91 -13.06 -21.73
C LYS B 110 -14.79 -14.11 -21.51
N LEU B 111 -13.56 -13.64 -21.34
CA LEU B 111 -12.43 -14.51 -21.04
C LEU B 111 -12.61 -15.31 -19.72
N LEU B 112 -13.01 -14.60 -18.66
CA LEU B 112 -13.19 -15.22 -17.34
C LEU B 112 -14.40 -16.15 -17.34
N ASP B 113 -15.50 -15.70 -17.94
CA ASP B 113 -16.73 -16.48 -18.07
C ASP B 113 -16.52 -17.84 -18.74
N VAL B 114 -15.76 -17.89 -19.84
CA VAL B 114 -15.59 -19.15 -20.57
C VAL B 114 -14.69 -20.11 -19.78
N ALA B 115 -13.66 -19.59 -19.13
CA ALA B 115 -12.85 -20.38 -18.20
C ALA B 115 -13.71 -20.98 -17.07
N ARG B 116 -14.49 -20.14 -16.38
CA ARG B 116 -15.31 -20.59 -15.24
C ARG B 116 -16.32 -21.66 -15.62
N LYS B 117 -17.08 -21.37 -16.67
CA LYS B 117 -18.17 -22.25 -17.10
C LYS B 117 -17.70 -23.57 -17.70
N SER B 118 -16.53 -23.57 -18.35
CA SER B 118 -15.93 -24.81 -18.86
C SER B 118 -15.22 -25.66 -17.77
N GLY B 119 -14.98 -25.07 -16.60
CA GLY B 119 -14.26 -25.74 -15.50
C GLY B 119 -12.79 -26.02 -15.81
N THR B 120 -12.21 -25.26 -16.74
CA THR B 120 -10.82 -25.43 -17.14
C THR B 120 -9.87 -24.86 -16.07
N TYR B 121 -8.90 -25.66 -15.63
CA TYR B 121 -7.86 -25.19 -14.71
C TYR B 121 -7.12 -24.05 -15.40
N SER B 122 -7.12 -22.88 -14.77
CA SER B 122 -6.55 -21.70 -15.38
C SER B 122 -6.13 -20.58 -14.42
N ILE B 123 -5.12 -19.83 -14.86
CA ILE B 123 -4.69 -18.62 -14.21
C ILE B 123 -4.71 -17.53 -15.26
N ILE B 124 -5.52 -16.51 -15.01
CA ILE B 124 -5.66 -15.41 -15.94
C ILE B 124 -5.32 -14.13 -15.18
N ALA B 125 -4.28 -13.45 -15.62
CA ALA B 125 -3.87 -12.21 -14.99
C ALA B 125 -3.18 -11.30 -16.00
N PRO B 126 -3.62 -10.04 -16.12
CA PRO B 126 -2.89 -9.12 -17.02
C PRO B 126 -1.58 -8.56 -16.42
N GLN B 127 -1.24 -8.94 -15.19
CA GLN B 127 0.02 -8.56 -14.53
C GLN B 127 0.55 -9.78 -13.78
N MSE B 128 1.60 -10.38 -14.31
CA MSE B 128 2.17 -11.59 -13.72
C MSE B 128 3.34 -11.29 -12.82
O MSE B 128 3.83 -12.19 -12.15
CB MSE B 128 2.51 -12.56 -14.84
CG MSE B 128 1.19 -12.99 -15.45
SE MSE B 128 0.75 -14.75 -14.74
CE MSE B 128 -0.56 -15.16 -16.16
N GLY B 129 3.80 -10.04 -12.80
CA GLY B 129 4.82 -9.61 -11.84
C GLY B 129 4.24 -9.62 -10.44
N LYS B 130 4.38 -10.75 -9.75
CA LYS B 130 3.64 -10.97 -8.51
C LYS B 130 3.92 -9.92 -7.44
N GLN B 131 5.16 -9.41 -7.42
CA GLN B 131 5.57 -8.39 -6.46
C GLN B 131 4.84 -7.09 -6.74
N VAL B 132 4.62 -6.77 -8.01
CA VAL B 132 3.82 -5.61 -8.36
C VAL B 132 2.34 -5.82 -7.96
N VAL B 133 1.82 -7.04 -8.18
CA VAL B 133 0.47 -7.36 -7.77
C VAL B 133 0.30 -7.17 -6.25
N ALA B 134 1.33 -7.52 -5.49
CA ALA B 134 1.29 -7.39 -4.03
C ALA B 134 1.23 -5.91 -3.61
N PHE B 135 1.94 -5.03 -4.32
CA PHE B 135 1.83 -3.60 -4.09
C PHE B 135 0.43 -3.05 -4.42
N VAL B 136 -0.13 -3.49 -5.54
CA VAL B 136 -1.48 -3.06 -5.98
C VAL B 136 -2.53 -3.43 -4.92
N ALA B 137 -2.46 -4.68 -4.47
CA ALA B 137 -3.27 -5.20 -3.37
C ALA B 137 -3.10 -4.43 -2.04
N ALA B 138 -1.88 -4.03 -1.73
CA ALA B 138 -1.61 -3.22 -0.53
C ALA B 138 -2.39 -1.90 -0.55
N MSE B 139 -2.45 -1.27 -1.72
CA MSE B 139 -3.17 -0.02 -1.91
C MSE B 139 -4.66 -0.25 -1.82
O MSE B 139 -5.34 0.55 -1.20
CB MSE B 139 -2.83 0.65 -3.26
CG MSE B 139 -1.36 1.02 -3.41
SE MSE B 139 -0.83 2.46 -2.17
CE MSE B 139 -0.25 1.34 -0.66
N GLU B 140 -5.16 -1.32 -2.42
CA GLU B 140 -6.58 -1.68 -2.34
C GLU B 140 -7.00 -2.05 -0.91
N ILE B 141 -6.12 -2.75 -0.20
CA ILE B 141 -6.34 -3.06 1.23
C ILE B 141 -6.50 -1.79 2.06
N MSE B 142 -5.63 -0.80 1.83
CA MSE B 142 -5.64 0.47 2.53
C MSE B 142 -6.95 1.19 2.29
O MSE B 142 -7.55 1.72 3.24
CB MSE B 142 -4.47 1.36 2.07
CG MSE B 142 -4.24 2.57 2.97
SE MSE B 142 -2.39 3.27 2.77
CE MSE B 142 -2.51 3.98 0.95
N ALA B 143 -7.40 1.18 1.03
CA ALA B 143 -8.66 1.84 0.64
C ALA B 143 -9.93 1.15 1.15
N LYS B 144 -9.95 -0.18 1.18
CA LYS B 144 -11.04 -0.94 1.80
C LYS B 144 -11.13 -0.78 3.32
N GLN B 145 -9.98 -0.84 4.01
CA GLN B 145 -9.98 -0.72 5.46
C GLN B 145 -10.25 0.71 5.92
N PHE B 146 -9.65 1.67 5.20
CA PHE B 146 -9.52 3.05 5.65
C PHE B 146 -9.99 4.02 4.57
N PRO B 147 -11.28 3.96 4.19
CA PRO B 147 -11.74 4.80 3.08
C PRO B 147 -11.64 6.28 3.44
N GLY B 148 -11.35 7.11 2.45
CA GLY B 148 -11.16 8.53 2.68
C GLY B 148 -9.97 8.96 3.52
N ALA B 149 -9.06 8.04 3.87
CA ALA B 149 -7.95 8.34 4.79
C ALA B 149 -7.03 9.47 4.32
N PHE B 150 -6.97 9.68 3.01
CA PHE B 150 -6.15 10.72 2.40
C PHE B 150 -7.02 11.82 1.75
N SER B 151 -8.22 12.02 2.29
CA SER B 151 -9.15 13.03 1.76
C SER B 151 -8.52 14.40 1.89
N GLY B 152 -8.61 15.20 0.83
CA GLY B 152 -7.97 16.51 0.76
C GLY B 152 -6.54 16.54 0.24
N TYR B 153 -5.87 15.38 0.16
CA TYR B 153 -4.50 15.33 -0.36
C TYR B 153 -4.51 15.46 -1.89
N THR B 154 -3.34 15.83 -2.42
CA THR B 154 -3.11 15.93 -3.87
C THR B 154 -2.38 14.67 -4.34
N LEU B 155 -2.81 14.13 -5.48
CA LEU B 155 -2.19 12.97 -6.11
C LEU B 155 -1.51 13.39 -7.41
N GLN B 156 -0.23 13.05 -7.57
CA GLN B 156 0.47 13.08 -8.87
C GLN B 156 0.87 11.63 -9.23
N VAL B 157 0.57 11.21 -10.46
CA VAL B 157 0.95 9.88 -10.96
C VAL B 157 1.73 10.04 -12.27
N THR B 158 2.95 9.54 -12.28
CA THR B 158 3.76 9.57 -13.49
C THR B 158 4.25 8.15 -13.83
N GLU B 159 4.29 7.87 -15.13
CA GLU B 159 4.40 6.51 -15.62
C GLU B 159 5.25 6.49 -16.90
N SER B 160 6.16 5.50 -16.98
CA SER B 160 7.06 5.36 -18.13
C SER B 160 7.16 3.91 -18.60
N HIS B 161 6.85 3.71 -19.88
CA HIS B 161 6.99 2.45 -20.58
C HIS B 161 7.66 2.73 -21.95
N GLN B 162 8.06 1.67 -22.63
CA GLN B 162 8.62 1.78 -23.98
C GLN B 162 7.67 2.54 -24.92
N SER B 163 8.25 3.31 -25.83
CA SER B 163 7.53 4.26 -26.70
C SER B 163 6.32 3.67 -27.46
N THR B 164 6.40 2.38 -27.79
CA THR B 164 5.33 1.66 -28.49
C THR B 164 4.07 1.45 -27.65
N LYS B 165 4.21 1.26 -26.33
CA LYS B 165 3.06 1.20 -25.43
C LYS B 165 2.45 2.60 -25.30
N ALA B 166 1.52 2.93 -26.20
CA ALA B 166 0.93 4.27 -26.28
C ALA B 166 -0.43 4.40 -25.54
N ASP B 167 -0.49 3.87 -24.33
CA ASP B 167 -1.72 3.91 -23.51
C ASP B 167 -1.33 3.67 -22.06
N VAL B 168 -2.06 4.28 -21.13
CA VAL B 168 -1.69 4.21 -19.71
C VAL B 168 -1.74 2.77 -19.17
N SER B 169 -0.88 2.48 -18.19
CA SER B 169 -0.72 1.11 -17.70
C SER B 169 -1.91 0.70 -16.84
N GLY B 170 -2.34 -0.55 -17.02
CA GLY B 170 -3.44 -1.14 -16.27
C GLY B 170 -3.18 -1.18 -14.78
N THR B 171 -1.92 -1.35 -14.38
CA THR B 171 -1.53 -1.32 -12.98
C THR B 171 -1.74 0.07 -12.39
N ALA B 172 -1.35 1.10 -13.14
CA ALA B 172 -1.53 2.48 -12.70
C ALA B 172 -3.01 2.81 -12.53
N LEU B 173 -3.85 2.37 -13.47
CA LEU B 173 -5.29 2.61 -13.38
C LEU B 173 -5.90 1.93 -12.14
N ALA B 174 -5.53 0.68 -11.87
CA ALA B 174 -6.05 -0.04 -10.70
C ALA B 174 -5.58 0.59 -9.39
N VAL B 175 -4.33 1.05 -9.34
CA VAL B 175 -3.83 1.76 -8.15
C VAL B 175 -4.60 3.07 -7.93
N ILE B 176 -4.84 3.81 -9.01
CA ILE B 176 -5.57 5.07 -8.94
C ILE B 176 -7.02 4.86 -8.47
N SER B 177 -7.65 3.79 -8.92
CA SER B 177 -8.98 3.38 -8.44
C SER B 177 -9.04 3.25 -6.89
N SER B 178 -8.01 2.61 -6.33
CA SER B 178 -7.88 2.50 -4.86
C SER B 178 -7.66 3.87 -4.22
N LEU B 179 -6.81 4.68 -4.82
CA LEU B 179 -6.51 6.00 -4.30
C LEU B 179 -7.72 6.91 -4.27
N ARG B 180 -8.60 6.81 -5.28
CA ARG B 180 -9.89 7.51 -5.27
C ARG B 180 -10.78 7.11 -4.07
N LYS B 181 -10.78 5.83 -3.72
CA LYS B 181 -11.47 5.36 -2.50
C LYS B 181 -10.83 5.87 -1.22
N LEU B 182 -9.52 6.12 -1.28
CA LEU B 182 -8.78 6.80 -0.21
C LEU B 182 -9.01 8.31 -0.10
N GLY B 183 -9.84 8.88 -0.98
CA GLY B 183 -10.22 10.30 -0.93
C GLY B 183 -9.49 11.22 -1.90
N LEU B 184 -8.67 10.65 -2.79
CA LEU B 184 -7.97 11.46 -3.78
C LEU B 184 -8.90 11.75 -4.95
N ASP B 185 -8.83 12.97 -5.46
CA ASP B 185 -9.60 13.40 -6.64
C ASP B 185 -8.62 13.47 -7.81
N PHE B 186 -8.81 12.57 -8.79
CA PHE B 186 -7.84 12.34 -9.85
C PHE B 186 -8.47 11.60 -11.03
N LYS B 187 -8.65 12.29 -12.15
CA LYS B 187 -9.12 11.66 -13.39
C LYS B 187 -7.98 10.83 -14.04
N ASP B 188 -8.35 9.82 -14.81
CA ASP B 188 -7.37 8.93 -15.46
C ASP B 188 -6.44 9.65 -16.42
N GLU B 189 -6.95 10.64 -17.17
CA GLU B 189 -6.10 11.40 -18.11
C GLU B 189 -5.09 12.34 -17.44
N GLN B 190 -5.16 12.51 -16.12
CA GLN B 190 -4.14 13.26 -15.38
C GLN B 190 -2.83 12.50 -15.14
N VAL B 191 -2.78 11.21 -15.50
CA VAL B 191 -1.52 10.46 -15.43
C VAL B 191 -0.59 11.05 -16.47
N GLU B 192 0.65 11.30 -16.06
CA GLU B 192 1.68 11.83 -16.94
C GLU B 192 2.38 10.65 -17.59
N LEU B 193 2.24 10.55 -18.91
CA LEU B 193 2.81 9.44 -19.67
C LEU B 193 4.14 9.86 -20.26
N VAL B 194 5.24 9.46 -19.62
CA VAL B 194 6.58 9.74 -20.15
C VAL B 194 6.87 8.69 -21.20
N ARG B 195 7.02 9.13 -22.45
CA ARG B 195 7.33 8.25 -23.59
C ARG B 195 8.53 8.69 -24.45
N ASP B 196 9.12 9.86 -24.19
CA ASP B 196 10.29 10.35 -24.92
C ASP B 196 11.55 9.78 -24.25
N PRO B 197 12.41 9.06 -25.01
CA PRO B 197 13.64 8.44 -24.47
C PRO B 197 14.52 9.33 -23.59
N LYS B 198 14.78 10.56 -24.01
CA LYS B 198 15.60 11.52 -23.23
C LYS B 198 15.02 11.75 -21.83
N GLU B 199 13.72 11.97 -21.77
CA GLU B 199 13.01 12.20 -20.51
C GLU B 199 12.99 10.94 -19.63
N GLN B 200 12.76 9.78 -20.26
CA GLN B 200 12.80 8.47 -19.58
C GLN B 200 14.13 8.24 -18.86
N MSE B 201 15.24 8.58 -19.53
CA MSE B 201 16.58 8.47 -18.92
C MSE B 201 16.78 9.47 -17.81
O MSE B 201 17.06 9.08 -16.66
CB MSE B 201 17.65 8.62 -20.01
CG MSE B 201 17.61 7.47 -21.01
SE MSE B 201 19.32 7.22 -21.93
CE MSE B 201 20.14 6.45 -20.30
N THR B 202 16.63 10.76 -18.11
CA THR B 202 17.00 11.82 -17.16
C THR B 202 16.00 11.95 -16.00
N ARG B 203 14.73 12.08 -16.32
CA ARG B 203 13.69 12.27 -15.29
C ARG B 203 13.36 11.00 -14.51
N MSE B 204 13.26 9.86 -15.20
CA MSE B 204 12.78 8.62 -14.55
C MSE B 204 13.86 7.64 -14.15
O MSE B 204 13.59 6.71 -13.40
CB MSE B 204 11.74 7.90 -15.43
CG MSE B 204 10.58 8.77 -15.93
SE MSE B 204 9.39 9.32 -14.46
CE MSE B 204 8.53 7.61 -14.02
N GLY B 205 15.09 7.84 -14.63
CA GLY B 205 16.20 6.93 -14.32
C GLY B 205 16.16 5.58 -15.02
N VAL B 206 15.52 5.53 -16.19
CA VAL B 206 15.46 4.29 -16.98
C VAL B 206 16.83 4.09 -17.65
N PRO B 207 17.52 2.95 -17.38
CA PRO B 207 18.79 2.71 -18.09
C PRO B 207 18.60 2.58 -19.60
N GLU B 208 19.58 3.02 -20.37
CA GLU B 208 19.44 3.05 -21.83
C GLU B 208 19.15 1.65 -22.39
N GLN B 209 19.86 0.64 -21.90
CA GLN B 209 19.64 -0.76 -22.34
C GLN B 209 18.18 -1.25 -22.16
N HIS B 210 17.41 -0.63 -21.26
CA HIS B 210 16.02 -1.00 -21.01
C HIS B 210 14.92 -0.05 -21.59
N LEU B 211 15.30 0.89 -22.45
CA LEU B 211 14.32 1.84 -23.03
C LEU B 211 13.17 1.16 -23.80
N ASN B 212 13.47 0.05 -24.48
CA ASN B 212 12.46 -0.70 -25.25
C ASN B 212 11.77 -1.84 -24.46
N GLY B 213 11.98 -1.87 -23.14
CA GLY B 213 11.31 -2.84 -22.27
C GLY B 213 11.41 -2.46 -20.80
N HIS B 214 10.48 -1.63 -20.34
CA HIS B 214 10.41 -1.23 -18.92
C HIS B 214 9.03 -0.74 -18.53
N ALA B 215 8.82 -0.64 -17.22
CA ALA B 215 7.58 -0.19 -16.64
C ALA B 215 7.86 0.51 -15.30
N PHE B 216 8.05 1.83 -15.35
CA PHE B 216 8.38 2.66 -14.19
C PHE B 216 7.16 3.47 -13.76
N HIS B 217 6.85 3.45 -12.46
CA HIS B 217 5.68 4.13 -11.88
C HIS B 217 6.03 4.89 -10.61
N THR B 218 5.56 6.13 -10.52
CA THR B 218 5.72 6.97 -9.33
C THR B 218 4.36 7.56 -8.97
N TYR B 219 3.93 7.34 -7.73
CA TYR B 219 2.72 7.94 -7.20
C TYR B 219 3.15 8.86 -6.04
N LYS B 220 2.75 10.14 -6.08
CA LYS B 220 3.04 11.10 -4.99
C LYS B 220 1.74 11.56 -4.35
N ILE B 221 1.64 11.42 -3.04
CA ILE B 221 0.48 11.83 -2.27
C ILE B 221 0.94 12.91 -1.26
N ILE B 222 0.38 14.11 -1.39
CA ILE B 222 0.83 15.30 -0.65
C ILE B 222 -0.35 15.93 0.11
N SER B 223 -0.12 16.32 1.37
CA SER B 223 -1.14 17.06 2.13
C SER B 223 -1.34 18.49 1.56
N PRO B 224 -2.51 19.11 1.83
CA PRO B 224 -2.79 20.48 1.38
C PRO B 224 -1.69 21.50 1.70
N ASP B 225 -1.17 21.47 2.93
CA ASP B 225 -0.11 22.39 3.39
C ASP B 225 1.32 21.99 2.96
N GLY B 226 1.46 20.80 2.39
CA GLY B 226 2.76 20.32 1.89
C GLY B 226 3.66 19.65 2.91
N THR B 227 3.19 19.50 4.16
CA THR B 227 4.03 18.96 5.25
C THR B 227 4.07 17.44 5.31
N VAL B 228 3.09 16.77 4.70
CA VAL B 228 3.10 15.30 4.64
C VAL B 228 3.24 14.85 3.20
N PHE B 229 4.22 13.98 2.95
CA PHE B 229 4.58 13.54 1.61
C PHE B 229 4.73 12.00 1.59
N PHE B 230 3.87 11.35 0.82
CA PHE B 230 4.01 9.92 0.51
C PHE B 230 4.45 9.74 -0.94
N GLU B 231 5.35 8.80 -1.17
CA GLU B 231 5.79 8.43 -2.52
C GLU B 231 5.97 6.94 -2.62
N PHE B 232 5.32 6.34 -3.62
CA PHE B 232 5.43 4.92 -3.91
C PHE B 232 5.96 4.79 -5.33
N LYS B 233 7.06 4.06 -5.48
CA LYS B 233 7.59 3.71 -6.79
C LYS B 233 7.58 2.21 -6.96
N HIS B 234 7.28 1.76 -8.18
CA HIS B 234 7.64 0.41 -8.61
C HIS B 234 8.14 0.45 -10.05
N ASN B 235 9.44 0.15 -10.18
CA ASN B 235 10.19 0.27 -11.44
C ASN B 235 10.72 -1.09 -11.90
N VAL B 236 10.22 -1.55 -13.05
CA VAL B 236 10.64 -2.83 -13.66
C VAL B 236 11.44 -2.57 -14.92
N CYS B 237 12.63 -3.14 -14.98
CA CYS B 237 13.41 -3.21 -16.21
C CYS B 237 13.29 -4.58 -16.83
N GLY B 238 13.01 -4.62 -18.13
CA GLY B 238 12.90 -5.89 -18.84
C GLY B 238 11.72 -6.72 -18.38
N ARG B 239 11.85 -8.03 -18.54
CA ARG B 239 10.70 -8.94 -18.45
C ARG B 239 10.84 -10.06 -17.44
N SER B 240 11.96 -10.11 -16.70
CA SER B 240 12.22 -11.25 -15.82
C SER B 240 11.23 -11.36 -14.66
N ILE B 241 10.72 -10.24 -14.15
CA ILE B 241 9.65 -10.32 -13.14
C ILE B 241 8.41 -11.06 -13.66
N TYR B 242 8.06 -10.83 -14.93
CA TYR B 242 6.88 -11.47 -15.52
C TYR B 242 7.14 -12.96 -15.76
N ALA B 243 8.34 -13.27 -16.24
CA ALA B 243 8.74 -14.65 -16.53
C ALA B 243 8.80 -15.48 -15.24
N GLN B 244 9.36 -14.88 -14.19
CA GLN B 244 9.45 -15.53 -12.88
C GLN B 244 8.08 -15.75 -12.26
N GLY B 245 7.23 -14.73 -12.31
CA GLY B 245 5.85 -14.84 -11.83
C GLY B 245 5.03 -15.83 -12.60
N THR B 246 5.32 -15.97 -13.90
CA THR B 246 4.66 -16.96 -14.75
C THR B 246 5.09 -18.38 -14.37
N VAL B 247 6.38 -18.58 -14.07
CA VAL B 247 6.86 -19.88 -13.61
C VAL B 247 6.17 -20.25 -12.28
N ASP B 248 6.11 -19.31 -11.34
CA ASP B 248 5.40 -19.51 -10.05
C ASP B 248 3.93 -19.93 -10.29
N ALA B 249 3.28 -19.26 -11.23
CA ALA B 249 1.88 -19.54 -11.57
C ALA B 249 1.70 -20.94 -12.14
N VAL B 250 2.62 -21.37 -12.99
CA VAL B 250 2.61 -22.73 -13.56
C VAL B 250 2.75 -23.78 -12.48
N LEU B 251 3.65 -23.55 -11.51
CA LEU B 251 3.90 -24.51 -10.43
C LEU B 251 2.70 -24.58 -9.50
N PHE B 252 2.13 -23.41 -9.19
CA PHE B 252 0.85 -23.31 -8.47
C PHE B 252 -0.28 -24.09 -9.14
N LEU B 253 -0.59 -23.77 -10.40
CA LEU B 253 -1.71 -24.40 -11.10
C LEU B 253 -1.48 -25.89 -11.27
N SER B 254 -0.23 -26.25 -11.50
CA SER B 254 0.18 -27.64 -11.64
C SER B 254 -0.22 -28.44 -10.40
N LYS B 255 0.05 -27.88 -9.22
CA LYS B 255 -0.32 -28.53 -7.97
C LYS B 255 -1.84 -28.68 -7.85
N LYS B 256 -2.58 -27.62 -8.17
CA LYS B 256 -4.05 -27.65 -8.09
C LYS B 256 -4.69 -28.71 -8.97
N ILE B 257 -4.11 -28.95 -10.15
CA ILE B 257 -4.60 -29.97 -11.07
C ILE B 257 -4.36 -31.35 -10.47
N GLN B 258 -3.13 -31.60 -10.01
CA GLN B 258 -2.75 -32.86 -9.36
C GLN B 258 -3.63 -33.15 -8.14
N GLU B 259 -3.80 -32.14 -7.31
CA GLU B 259 -4.68 -32.22 -6.13
C GLU B 259 -6.17 -32.32 -6.48
N LYS B 260 -6.54 -32.02 -7.72
CA LYS B 260 -7.90 -32.22 -8.21
C LYS B 260 -8.86 -31.20 -7.60
N SER B 261 -8.42 -29.94 -7.45
CA SER B 261 -9.21 -28.92 -6.75
C SER B 261 -10.54 -28.61 -7.41
N GLU B 262 -11.55 -28.40 -6.57
CA GLU B 262 -12.86 -27.93 -7.02
C GLU B 262 -12.74 -26.59 -7.72
N LYS B 263 -11.93 -25.69 -7.17
CA LYS B 263 -11.68 -24.38 -7.79
C LYS B 263 -10.77 -24.53 -9.01
N ARG B 264 -11.19 -23.91 -10.11
CA ARG B 264 -10.54 -24.07 -11.42
C ARG B 264 -9.90 -22.79 -11.95
N LEU B 265 -10.58 -21.66 -11.80
CA LEU B 265 -10.08 -20.38 -12.25
C LEU B 265 -9.39 -19.64 -11.10
N TYR B 266 -8.11 -19.33 -11.30
CA TYR B 266 -7.29 -18.61 -10.34
C TYR B 266 -6.73 -17.32 -10.96
N ASN B 267 -6.27 -16.42 -10.09
CA ASN B 267 -5.51 -15.24 -10.50
C ASN B 267 -4.19 -15.17 -9.69
N MSE B 268 -3.41 -14.10 -9.84
CA MSE B 268 -2.11 -13.97 -9.14
C MSE B 268 -2.22 -13.71 -7.65
O MSE B 268 -1.24 -13.95 -6.92
CB MSE B 268 -1.25 -12.86 -9.72
CG MSE B 268 -0.84 -13.19 -11.15
SE MSE B 268 0.26 -14.82 -11.32
CE MSE B 268 1.56 -14.37 -9.90
N ILE B 269 -3.37 -13.23 -7.19
CA ILE B 269 -3.65 -13.07 -5.75
C ILE B 269 -3.66 -14.46 -5.10
N ASP B 270 -4.35 -15.40 -5.75
CA ASP B 270 -4.38 -16.79 -5.29
C ASP B 270 -2.94 -17.35 -5.27
N VAL B 271 -2.15 -17.04 -6.28
CA VAL B 271 -0.75 -17.52 -6.33
C VAL B 271 0.06 -16.93 -5.18
N LEU B 272 -0.08 -15.62 -4.95
CA LEU B 272 0.57 -14.96 -3.81
C LEU B 272 0.18 -15.55 -2.46
N GLU B 273 -1.07 -15.95 -2.31
CA GLU B 273 -1.58 -16.56 -1.07
C GLU B 273 -1.06 -17.98 -0.84
N GLY B 274 -0.66 -18.67 -1.91
CA GLY B 274 -0.03 -19.99 -1.82
C GLY B 274 1.39 -20.01 -1.27
N GLY B 275 2.06 -18.85 -1.27
CA GLY B 275 3.42 -18.72 -0.74
C GLY B 275 4.44 -18.99 -1.83
N SER B 276 5.72 -18.73 -1.53
CA SER B 276 6.78 -18.97 -2.51
C SER B 276 7.08 -20.47 -2.61
N MSE B 277 7.00 -21.02 -3.82
CA MSE B 277 7.25 -22.43 -4.08
C MSE B 277 8.66 -22.70 -4.56
O MSE B 277 8.95 -23.81 -5.01
CB MSE B 277 6.20 -22.93 -5.08
CG MSE B 277 4.80 -22.83 -4.46
SE MSE B 277 3.42 -23.31 -5.80
CE MSE B 277 3.81 -25.23 -5.94
N ARG B 278 9.53 -21.69 -4.47
CA ARG B 278 10.93 -21.80 -4.89
C ARG B 278 11.81 -21.04 -3.89
PA NAD C . 5.28 20.50 25.45
O1A NAD C . 6.29 20.36 26.54
O2A NAD C . 5.47 21.52 24.36
O5B NAD C . 3.83 20.78 26.07
C5B NAD C . 3.31 20.01 27.15
C4B NAD C . 2.45 20.94 27.98
O4B NAD C . 1.72 20.20 28.95
C3B NAD C . 3.27 21.97 28.74
O3B NAD C . 2.83 23.29 28.39
C2B NAD C . 3.00 21.67 30.20
O2B NAD C . 2.99 22.83 31.03
C1B NAD C . 1.63 21.00 30.14
N9A NAD C . 1.24 20.15 31.28
C8A NAD C . 2.04 19.37 32.04
N7A NAD C . 1.32 18.72 33.00
C5A NAD C . 0.04 19.08 32.82
C6A NAD C . -1.25 18.77 33.49
N6A NAD C . -1.26 17.92 34.53
N1A NAD C . -2.39 19.35 33.02
C2A NAD C . -2.35 20.22 31.98
N3A NAD C . -1.20 20.55 31.34
C4A NAD C . -0.01 20.02 31.70
O3 NAD C . 5.07 19.01 24.85
PN NAD C . 4.60 18.73 23.32
O1N NAD C . 5.83 18.88 22.47
O2N NAD C . 3.34 19.49 23.03
O5D NAD C . 4.20 17.17 23.42
C5D NAD C . 3.11 16.81 24.25
C4D NAD C . 2.96 15.30 24.37
O4D NAD C . 2.37 14.78 23.18
C3D NAD C . 4.28 14.56 24.56
O3D NAD C . 4.06 13.46 25.44
C2D NAD C . 4.64 14.09 23.15
O2D NAD C . 5.49 12.93 23.15
C1D NAD C . 3.24 13.79 22.61
N1N NAD C . 3.04 13.78 21.15
C2N NAD C . 2.14 12.89 20.70
C3N NAD C . 1.83 12.78 19.34
C7N NAD C . 0.84 11.75 18.85
O7N NAD C . 0.85 11.43 17.67
N7N NAD C . -0.08 11.20 19.65
C4N NAD C . 2.48 13.65 18.46
C5N NAD C . 3.38 14.59 18.95
C6N NAD C . 3.66 14.64 20.31
CA CA D . 2.89 29.88 27.97
PA NAD E . 5.25 -9.48 -28.91
O1A NAD E . 4.55 -8.83 -30.08
O2A NAD E . 6.73 -9.29 -28.71
O5B NAD E . 4.94 -11.06 -28.94
C5B NAD E . 3.62 -11.51 -29.17
C4B NAD E . 3.67 -12.68 -30.15
O4B NAD E . 2.38 -13.30 -30.23
C3B NAD E . 4.05 -12.29 -31.57
O3B NAD E . 5.29 -12.94 -31.91
C2B NAD E . 2.88 -12.78 -32.42
O2B NAD E . 3.28 -13.31 -33.68
C1B NAD E . 2.26 -13.84 -31.55
N9A NAD E . 0.84 -14.18 -31.81
C8A NAD E . -0.15 -13.37 -32.18
N7A NAD E . -1.32 -14.04 -32.31
C5A NAD E . -1.08 -15.32 -31.99
C6A NAD E . -1.88 -16.55 -31.93
N6A NAD E . -3.21 -16.52 -32.23
N1A NAD E . -1.26 -17.68 -31.55
C2A NAD E . 0.06 -17.72 -31.24
N3A NAD E . 0.85 -16.63 -31.30
C4A NAD E . 0.35 -15.41 -31.66
O3 NAD E . 4.46 -8.98 -27.59
PN NAD E . 5.06 -9.10 -26.11
O1N NAD E . 5.92 -7.88 -25.91
O2N NAD E . 5.66 -10.47 -25.90
O5D NAD E . 3.71 -8.99 -25.25
C5D NAD E . 2.70 -9.96 -25.53
C4D NAD E . 1.47 -9.77 -24.67
O4D NAD E . 1.83 -9.96 -23.28
C3D NAD E . 0.93 -8.36 -24.79
O3D NAD E . -0.50 -8.42 -24.81
C2D NAD E . 1.42 -7.64 -23.55
O2D NAD E . 0.56 -6.60 -23.12
C1D NAD E . 1.42 -8.79 -22.55
N1N NAD E . 2.26 -8.65 -21.35
C2N NAD E . 1.77 -9.21 -20.24
C3N NAD E . 2.46 -9.17 -19.03
C7N NAD E . 1.88 -9.80 -17.79
O7N NAD E . 2.57 -9.81 -16.79
N7N NAD E . 0.66 -10.35 -17.74
C4N NAD E . 3.70 -8.54 -19.00
C5N NAD E . 4.21 -7.97 -20.16
C6N NAD E . 3.46 -8.04 -21.34
#